data_6XOQ
#
_entry.id   6XOQ
#
_cell.length_a   33.993
_cell.length_b   86.850
_cell.length_c   126.146
_cell.angle_alpha   90.000
_cell.angle_beta   90.000
_cell.angle_gamma   90.000
#
_symmetry.space_group_name_H-M   'P 21 21 21'
#
loop_
_entity.id
_entity.type
_entity.pdbx_description
1 polymer 'Lysozyme, DCN1-like protein 1 chimera'
2 non-polymer (2E)-N-[(2S)-2-cyclohexyl-2-({N-propanoyl-3-[6-(propan-2-yl)-1,3-benzothiazol-2-yl]-L-alanyl}amino)ethyl]-4-(morpholin-4-yl)but-2-enamide
3 water water
#
_entity_poly.entity_id   1
_entity_poly.type   'polypeptide(L)'
_entity_poly.pdbx_seq_one_letter_code
;MHHHHHHSSGVDLGTENLYFQSNAMNIFEMLRIDEGLRLKIYKDTEGYYTIGIGHLLTKSPSLNAAKSELDKAIGRNTNG
VITKDEAEKLFNQDVDAAVRGILRNAKLKPVYDSLDAVRRAALINMVFQMGETGVAGFTNSLRMLQQKRWAEAAVNLAKS
RWYNQTPNRTKRVITTFATGTWDAYKNLRKKLEQLYNRYKDPQDENKIGIDGIQQFCDDLALDPASISVLIIAWKFRAAT
QCEFSKQEFMDGMTELGCDSIEKLKAQIPKMEQELKEPGRFKDFYQFTFNFAKNPGQKGLDLEMAIAYWNLVLNGRFKFL
DLWNKFLLEHHKRSIPKDTWNLLLDFSTMIADDMSNYDEEGAWPVLIDDFVEFARPQIAGTKSTTV
;
_entity_poly.pdbx_strand_id   A
#
loop_
_chem_comp.id
_chem_comp.type
_chem_comp.name
_chem_comp.formula
H9S non-polymer (2E)-N-[(2S)-2-cyclohexyl-2-({N-propanoyl-3-[6-(propan-2-yl)-1,3-benzothiazol-2-yl]-L-alanyl}amino)ethyl]-4-(morpholin-4-yl)but-2-enamide 'C32 H47 N5 O4 S'
#
# COMPACT_ATOMS: atom_id res chain seq x y z
N LEU A 18 -11.63 -31.29 -4.62
CA LEU A 18 -11.32 -29.92 -5.01
C LEU A 18 -10.15 -29.83 -6.01
N TYR A 19 -9.19 -30.78 -5.93
CA TYR A 19 -7.98 -30.82 -6.76
C TYR A 19 -8.26 -31.04 -8.26
N PHE A 20 -9.41 -31.69 -8.60
CA PHE A 20 -9.87 -31.96 -9.97
C PHE A 20 -10.28 -30.68 -10.71
N GLN A 21 -10.66 -29.63 -9.94
CA GLN A 21 -11.12 -28.32 -10.43
C GLN A 21 -9.95 -27.48 -10.94
N ALA A 24 -6.31 -23.39 -11.48
CA ALA A 24 -6.20 -22.16 -10.69
C ALA A 24 -4.78 -21.91 -10.14
N MET A 25 -3.84 -21.63 -11.07
CA MET A 25 -2.42 -21.36 -10.78
C MET A 25 -2.05 -19.93 -11.13
N ASN A 26 -2.47 -19.49 -12.33
CA ASN A 26 -2.21 -18.14 -12.82
C ASN A 26 -3.18 -17.12 -12.23
N ILE A 27 -4.37 -17.57 -11.79
CA ILE A 27 -5.40 -16.70 -11.19
C ILE A 27 -4.89 -16.07 -9.88
N PHE A 28 -4.14 -16.82 -9.05
CA PHE A 28 -3.57 -16.30 -7.80
C PHE A 28 -2.59 -15.14 -8.08
N GLU A 29 -1.69 -15.33 -9.06
CA GLU A 29 -0.74 -14.29 -9.46
C GLU A 29 -1.41 -13.14 -10.18
N MET A 30 -2.47 -13.42 -10.96
CA MET A 30 -3.23 -12.37 -11.64
C MET A 30 -3.84 -11.40 -10.60
N LEU A 31 -4.52 -11.93 -9.57
CA LEU A 31 -5.12 -11.05 -8.56
C LEU A 31 -4.14 -10.56 -7.53
N ARG A 32 -2.96 -11.23 -7.38
CA ARG A 32 -1.92 -10.71 -6.46
C ARG A 32 -1.42 -9.38 -7.07
N ILE A 33 -1.30 -9.35 -8.40
CA ILE A 33 -0.90 -8.16 -9.15
C ILE A 33 -2.00 -7.09 -9.13
N ASP A 34 -3.22 -7.45 -9.50
CA ASP A 34 -4.34 -6.51 -9.61
C ASP A 34 -4.89 -5.96 -8.30
N GLU A 35 -5.07 -6.80 -7.29
CA GLU A 35 -5.68 -6.42 -6.02
C GLU A 35 -4.66 -6.23 -4.91
N GLY A 36 -3.56 -7.00 -4.96
CA GLY A 36 -2.51 -6.94 -3.95
C GLY A 36 -2.67 -7.99 -2.87
N LEU A 37 -1.54 -8.44 -2.32
CA LEU A 37 -1.49 -9.43 -1.25
C LEU A 37 -1.04 -8.83 0.08
N ARG A 38 -1.91 -8.90 1.10
CA ARG A 38 -1.59 -8.39 2.44
C ARG A 38 -1.45 -9.56 3.43
N LEU A 39 -0.30 -9.66 4.12
CA LEU A 39 -0.02 -10.73 5.07
C LEU A 39 -0.50 -10.46 6.51
N LYS A 40 -0.91 -9.22 6.82
CA LYS A 40 -1.42 -8.82 8.14
C LYS A 40 -2.86 -8.32 8.04
N ILE A 41 -3.71 -8.64 9.04
CA ILE A 41 -5.12 -8.19 9.11
C ILE A 41 -5.20 -6.68 8.90
N TYR A 42 -5.95 -6.24 7.89
CA TYR A 42 -6.11 -4.82 7.61
C TYR A 42 -7.56 -4.36 7.61
N LYS A 43 -7.75 -3.04 7.72
CA LYS A 43 -9.06 -2.41 7.72
C LYS A 43 -9.50 -2.14 6.29
N ASP A 44 -10.69 -2.64 5.96
CA ASP A 44 -11.35 -2.46 4.67
C ASP A 44 -12.42 -1.36 4.82
N THR A 45 -12.76 -0.67 3.72
CA THR A 45 -13.76 0.41 3.68
C THR A 45 -15.17 -0.10 3.92
N TYR A 48 -14.39 -3.33 7.68
CA TYR A 48 -14.37 -4.80 7.63
C TYR A 48 -12.95 -5.41 7.71
N TYR A 49 -12.84 -6.49 8.52
CA TYR A 49 -11.59 -7.22 8.78
C TYR A 49 -11.22 -8.11 7.59
N THR A 50 -10.13 -7.75 6.91
CA THR A 50 -9.65 -8.42 5.71
C THR A 50 -8.16 -8.85 5.82
N ILE A 51 -7.74 -9.87 5.02
CA ILE A 51 -6.39 -10.42 4.95
C ILE A 51 -6.19 -11.09 3.59
N GLY A 52 -4.94 -11.28 3.19
CA GLY A 52 -4.60 -11.94 1.92
C GLY A 52 -5.01 -11.10 0.73
N ILE A 53 -5.62 -11.75 -0.29
CA ILE A 53 -6.14 -11.03 -1.46
C ILE A 53 -7.65 -10.80 -1.27
N GLY A 54 -7.97 -9.78 -0.48
CA GLY A 54 -9.34 -9.38 -0.21
C GLY A 54 -10.24 -10.38 0.52
N HIS A 55 -9.64 -11.33 1.27
CA HIS A 55 -10.42 -12.31 2.01
C HIS A 55 -11.08 -11.68 3.23
N LEU A 56 -12.42 -11.74 3.29
CA LEU A 56 -13.20 -11.24 4.41
C LEU A 56 -13.20 -12.26 5.54
N LEU A 57 -12.88 -11.80 6.76
CA LEU A 57 -12.82 -12.68 7.92
C LEU A 57 -14.12 -12.69 8.72
N THR A 58 -14.71 -11.51 8.94
CA THR A 58 -15.98 -11.34 9.69
C THR A 58 -16.66 -10.03 9.28
N LYS A 59 -17.97 -9.91 9.56
CA LYS A 59 -18.77 -8.70 9.32
C LYS A 59 -18.81 -7.91 10.65
N SER A 60 -18.28 -8.52 11.71
CA SER A 60 -18.21 -7.96 13.07
C SER A 60 -17.15 -6.85 13.18
N PRO A 61 -17.37 -5.84 14.06
CA PRO A 61 -16.36 -4.79 14.23
C PRO A 61 -15.27 -5.19 15.24
N SER A 62 -15.40 -6.39 15.84
CA SER A 62 -14.49 -6.96 16.85
C SER A 62 -13.27 -7.63 16.19
N LEU A 63 -12.07 -7.17 16.55
CA LEU A 63 -10.81 -7.74 16.06
C LEU A 63 -10.61 -9.12 16.68
N ASN A 64 -11.02 -9.29 17.97
CA ASN A 64 -10.99 -10.58 18.68
C ASN A 64 -11.76 -11.65 17.86
N ALA A 65 -12.95 -11.28 17.29
CA ALA A 65 -13.78 -12.14 16.44
C ALA A 65 -13.07 -12.43 15.12
N ALA A 66 -12.44 -11.40 14.49
CA ALA A 66 -11.69 -11.49 13.23
C ALA A 66 -10.49 -12.44 13.34
N LYS A 67 -9.75 -12.35 14.45
CA LYS A 67 -8.59 -13.18 14.76
C LYS A 67 -9.04 -14.62 15.02
N SER A 68 -10.19 -14.78 15.71
CA SER A 68 -10.77 -16.09 16.00
C SER A 68 -11.13 -16.82 14.68
N GLU A 69 -11.77 -16.11 13.74
CA GLU A 69 -12.15 -16.66 12.45
C GLU A 69 -10.90 -17.05 11.64
N LEU A 70 -9.89 -16.16 11.63
CA LEU A 70 -8.62 -16.39 10.94
C LEU A 70 -7.90 -17.62 11.50
N ASP A 71 -7.85 -17.74 12.85
CA ASP A 71 -7.21 -18.85 13.57
C ASP A 71 -7.90 -20.16 13.28
N LYS A 72 -9.24 -20.13 13.21
CA LYS A 72 -10.05 -21.30 12.88
C LYS A 72 -9.84 -21.71 11.44
N ALA A 73 -9.82 -20.74 10.50
CA ALA A 73 -9.62 -20.99 9.07
C ALA A 73 -8.20 -21.53 8.76
N ILE A 74 -7.16 -21.01 9.46
CA ILE A 74 -5.78 -21.42 9.21
C ILE A 74 -5.36 -22.68 10.00
N GLY A 75 -5.81 -22.82 11.24
CA GLY A 75 -5.49 -23.99 12.06
C GLY A 75 -4.33 -23.77 13.01
N ARG A 76 -4.00 -22.49 13.26
CA ARG A 76 -2.98 -22.08 14.21
C ARG A 76 -3.29 -20.70 14.77
N ASN A 77 -2.60 -20.34 15.88
CA ASN A 77 -2.66 -19.04 16.51
C ASN A 77 -1.77 -18.13 15.64
N THR A 78 -2.42 -17.39 14.72
CA THR A 78 -1.72 -16.54 13.74
C THR A 78 -1.44 -15.15 14.26
N ASN A 79 -2.23 -14.70 15.26
CA ASN A 79 -2.22 -13.35 15.83
C ASN A 79 -2.38 -12.26 14.73
N GLY A 80 -3.12 -12.62 13.69
CA GLY A 80 -3.39 -11.73 12.56
C GLY A 80 -2.30 -11.65 11.50
N VAL A 81 -1.29 -12.55 11.55
CA VAL A 81 -0.19 -12.58 10.56
C VAL A 81 -0.11 -13.99 9.93
N ILE A 82 -0.07 -14.05 8.61
CA ILE A 82 -0.03 -15.31 7.87
C ILE A 82 1.08 -15.35 6.82
N THR A 83 1.32 -16.53 6.25
CA THR A 83 2.28 -16.73 5.18
C THR A 83 1.54 -16.60 3.84
N LYS A 84 2.31 -16.50 2.75
CA LYS A 84 1.78 -16.43 1.39
C LYS A 84 1.01 -17.73 1.07
N ASP A 85 1.52 -18.89 1.51
CA ASP A 85 0.87 -20.19 1.29
C ASP A 85 -0.47 -20.28 2.00
N GLU A 86 -0.57 -19.65 3.17
CA GLU A 86 -1.79 -19.57 3.94
C GLU A 86 -2.79 -18.65 3.20
N ALA A 87 -2.29 -17.48 2.70
CA ALA A 87 -3.08 -16.54 1.90
C ALA A 87 -3.58 -17.23 0.60
N GLU A 88 -2.79 -18.15 0.03
CA GLU A 88 -3.19 -18.90 -1.17
C GLU A 88 -4.34 -19.85 -0.91
N LYS A 89 -4.31 -20.56 0.25
CA LYS A 89 -5.35 -21.50 0.66
C LYS A 89 -6.66 -20.74 0.80
N LEU A 90 -6.63 -19.53 1.42
CA LEU A 90 -7.79 -18.67 1.57
C LEU A 90 -8.30 -18.20 0.22
N PHE A 91 -7.37 -17.82 -0.67
CA PHE A 91 -7.71 -17.34 -2.01
C PHE A 91 -8.43 -18.40 -2.81
N ASN A 92 -7.96 -19.67 -2.77
CA ASN A 92 -8.58 -20.75 -3.50
C ASN A 92 -10.03 -20.98 -3.07
N GLN A 93 -10.32 -20.80 -1.76
CA GLN A 93 -11.69 -20.89 -1.24
C GLN A 93 -12.56 -19.80 -1.85
N ASP A 94 -12.03 -18.55 -1.94
CA ASP A 94 -12.78 -17.41 -2.50
C ASP A 94 -13.05 -17.58 -3.99
N VAL A 95 -12.09 -18.15 -4.74
CA VAL A 95 -12.23 -18.43 -6.19
C VAL A 95 -13.42 -19.37 -6.36
N ASP A 96 -13.42 -20.50 -5.62
CA ASP A 96 -14.47 -21.50 -5.64
C ASP A 96 -15.85 -20.91 -5.31
N ALA A 97 -15.93 -20.04 -4.28
CA ALA A 97 -17.16 -19.34 -3.89
C ALA A 97 -17.61 -18.39 -5.02
N ALA A 98 -16.67 -17.65 -5.62
CA ALA A 98 -16.93 -16.74 -6.75
C ALA A 98 -17.54 -17.53 -7.94
N VAL A 99 -16.94 -18.70 -8.28
CA VAL A 99 -17.36 -19.59 -9.37
C VAL A 99 -18.79 -20.10 -9.09
N ARG A 100 -19.06 -20.52 -7.85
CA ARG A 100 -20.42 -20.97 -7.48
C ARG A 100 -21.45 -19.85 -7.71
N GLY A 101 -21.13 -18.63 -7.25
CA GLY A 101 -21.97 -17.44 -7.43
C GLY A 101 -22.28 -17.10 -8.88
N ILE A 102 -21.24 -17.05 -9.74
CA ILE A 102 -21.35 -16.78 -11.19
C ILE A 102 -22.33 -17.76 -11.86
N LEU A 103 -22.23 -19.05 -11.51
CA LEU A 103 -23.07 -20.11 -12.09
C LEU A 103 -24.53 -20.02 -11.63
N ARG A 104 -24.80 -19.48 -10.42
CA ARG A 104 -26.17 -19.30 -9.93
C ARG A 104 -26.79 -18.03 -10.53
N ASN A 105 -25.97 -17.24 -11.26
CA ASN A 105 -26.43 -15.99 -11.88
C ASN A 105 -26.76 -16.28 -13.32
N ALA A 106 -28.04 -16.07 -13.69
CA ALA A 106 -28.60 -16.29 -15.02
C ALA A 106 -28.02 -15.35 -16.05
N LYS A 107 -27.51 -14.20 -15.61
CA LYS A 107 -26.92 -13.19 -16.47
C LYS A 107 -25.43 -13.47 -16.72
N LEU A 108 -24.75 -14.16 -15.76
CA LEU A 108 -23.32 -14.46 -15.87
C LEU A 108 -22.96 -15.90 -16.31
N LYS A 109 -23.76 -16.92 -15.90
CA LYS A 109 -23.51 -18.33 -16.22
C LYS A 109 -23.28 -18.59 -17.73
N PRO A 110 -24.17 -18.16 -18.68
CA PRO A 110 -23.91 -18.45 -20.11
C PRO A 110 -22.57 -17.94 -20.62
N VAL A 111 -22.20 -16.70 -20.25
CA VAL A 111 -20.92 -16.11 -20.66
C VAL A 111 -19.77 -16.91 -20.04
N TYR A 112 -19.83 -17.21 -18.72
CA TYR A 112 -18.79 -18.00 -18.04
C TYR A 112 -18.59 -19.37 -18.72
N ASP A 113 -19.70 -20.11 -18.95
CA ASP A 113 -19.68 -21.43 -19.59
C ASP A 113 -18.99 -21.41 -20.95
N SER A 114 -19.32 -20.40 -21.79
CA SER A 114 -18.81 -20.23 -23.15
C SER A 114 -17.32 -19.90 -23.22
N LEU A 115 -16.74 -19.32 -22.14
CA LEU A 115 -15.34 -18.87 -22.12
C LEU A 115 -14.30 -19.95 -21.83
N ASP A 116 -13.12 -19.79 -22.45
CA ASP A 116 -11.92 -20.62 -22.23
C ASP A 116 -11.36 -20.31 -20.80
N ALA A 117 -10.43 -21.15 -20.30
CA ALA A 117 -9.84 -21.03 -18.96
C ALA A 117 -9.24 -19.66 -18.65
N VAL A 118 -8.49 -19.06 -19.58
CA VAL A 118 -7.85 -17.76 -19.36
C VAL A 118 -8.91 -16.66 -19.25
N ARG A 119 -9.88 -16.61 -20.18
CA ARG A 119 -10.92 -15.58 -20.14
C ARG A 119 -11.86 -15.73 -18.93
N ARG A 120 -12.08 -16.98 -18.43
CA ARG A 120 -12.89 -17.20 -17.21
C ARG A 120 -12.20 -16.51 -16.04
N ALA A 121 -10.86 -16.69 -15.93
CA ALA A 121 -10.04 -16.03 -14.92
C ALA A 121 -10.21 -14.51 -14.95
N ALA A 122 -10.29 -13.90 -16.17
CA ALA A 122 -10.52 -12.46 -16.32
C ALA A 122 -11.93 -12.08 -15.80
N LEU A 123 -12.95 -12.94 -16.06
CA LEU A 123 -14.32 -12.68 -15.57
C LEU A 123 -14.40 -12.77 -14.03
N ILE A 124 -13.71 -13.75 -13.41
CA ILE A 124 -13.62 -13.94 -11.95
C ILE A 124 -12.94 -12.71 -11.37
N ASN A 125 -11.91 -12.18 -12.08
CA ASN A 125 -11.22 -10.95 -11.69
C ASN A 125 -12.23 -9.79 -11.54
N MET A 126 -13.09 -9.59 -12.56
CA MET A 126 -14.14 -8.57 -12.54
C MET A 126 -15.12 -8.78 -11.35
N VAL A 127 -15.51 -10.05 -11.10
CA VAL A 127 -16.40 -10.42 -9.98
C VAL A 127 -15.71 -10.07 -8.62
N PHE A 128 -14.41 -10.37 -8.49
CA PHE A 128 -13.62 -10.06 -7.29
C PHE A 128 -13.60 -8.54 -7.04
N GLN A 129 -13.45 -7.73 -8.11
CA GLN A 129 -13.41 -6.27 -8.04
C GLN A 129 -14.74 -5.60 -7.68
N MET A 130 -15.81 -5.90 -8.43
CA MET A 130 -17.08 -5.18 -8.29
C MET A 130 -18.31 -6.01 -7.95
N GLY A 131 -18.11 -7.29 -7.65
CA GLY A 131 -19.22 -8.19 -7.34
C GLY A 131 -20.03 -8.56 -8.55
N GLU A 132 -20.90 -9.56 -8.40
CA GLU A 132 -21.74 -10.08 -9.47
C GLU A 132 -22.66 -9.05 -10.11
N THR A 133 -23.35 -8.23 -9.30
CA THR A 133 -24.30 -7.19 -9.77
C THR A 133 -23.59 -6.14 -10.63
N GLY A 134 -22.39 -5.76 -10.19
CA GLY A 134 -21.53 -4.82 -10.91
C GLY A 134 -21.17 -5.33 -12.30
N VAL A 135 -20.78 -6.63 -12.38
CA VAL A 135 -20.40 -7.29 -13.64
C VAL A 135 -21.62 -7.47 -14.55
N ALA A 136 -22.75 -7.98 -14.01
CA ALA A 136 -24.00 -8.18 -14.76
C ALA A 136 -24.49 -6.91 -15.45
N GLY A 137 -24.02 -5.75 -14.97
CA GLY A 137 -24.35 -4.44 -15.54
C GLY A 137 -23.80 -4.22 -16.93
N PHE A 138 -22.71 -4.95 -17.30
CA PHE A 138 -22.03 -4.89 -18.60
C PHE A 138 -22.70 -5.81 -19.66
N THR A 139 -24.03 -5.72 -19.77
CA THR A 139 -24.87 -6.53 -20.68
C THR A 139 -24.36 -6.58 -22.14
N ASN A 140 -24.15 -5.41 -22.78
CA ASN A 140 -23.66 -5.31 -24.17
C ASN A 140 -22.31 -5.99 -24.36
N SER A 141 -21.36 -5.72 -23.42
CA SER A 141 -20.01 -6.29 -23.42
C SER A 141 -20.01 -7.80 -23.20
N LEU A 142 -20.76 -8.30 -22.19
CA LEU A 142 -20.87 -9.73 -21.88
C LEU A 142 -21.41 -10.52 -23.06
N ARG A 143 -22.37 -9.94 -23.80
CA ARG A 143 -22.96 -10.52 -25.01
C ARG A 143 -21.86 -10.74 -26.05
N MET A 144 -21.03 -9.69 -26.31
CA MET A 144 -19.93 -9.74 -27.27
C MET A 144 -18.91 -10.81 -26.90
N LEU A 145 -18.64 -10.99 -25.60
CA LEU A 145 -17.72 -12.00 -25.08
C LEU A 145 -18.28 -13.40 -25.34
N GLN A 146 -19.58 -13.60 -25.06
CA GLN A 146 -20.28 -14.85 -25.29
C GLN A 146 -20.24 -15.19 -26.78
N GLN A 147 -20.39 -14.16 -27.63
CA GLN A 147 -20.37 -14.25 -29.08
C GLN A 147 -18.95 -14.38 -29.64
N LYS A 148 -17.91 -14.28 -28.77
CA LYS A 148 -16.49 -14.39 -29.16
C LYS A 148 -16.05 -13.26 -30.10
N ARG A 149 -16.69 -12.08 -29.97
CA ARG A 149 -16.37 -10.86 -30.73
C ARG A 149 -15.38 -10.11 -29.83
N TRP A 150 -14.14 -10.64 -29.72
CA TRP A 150 -13.12 -10.15 -28.81
C TRP A 150 -12.72 -8.70 -29.02
N ALA A 151 -12.55 -8.29 -30.29
CA ALA A 151 -12.13 -6.92 -30.61
C ALA A 151 -13.22 -5.92 -30.18
N GLU A 152 -14.51 -6.22 -30.50
CA GLU A 152 -15.68 -5.39 -30.17
C GLU A 152 -15.86 -5.27 -28.67
N ALA A 153 -15.71 -6.40 -27.95
CA ALA A 153 -15.81 -6.44 -26.48
C ALA A 153 -14.69 -5.60 -25.84
N ALA A 154 -13.43 -5.74 -26.33
CA ALA A 154 -12.29 -5.00 -25.80
C ALA A 154 -12.47 -3.48 -25.91
N VAL A 155 -12.98 -3.00 -27.07
CA VAL A 155 -13.24 -1.57 -27.31
C VAL A 155 -14.39 -1.07 -26.39
N ASN A 156 -15.47 -1.86 -26.26
CA ASN A 156 -16.65 -1.53 -25.46
C ASN A 156 -16.36 -1.42 -23.97
N LEU A 157 -15.60 -2.38 -23.39
CA LEU A 157 -15.22 -2.37 -21.97
C LEU A 157 -14.33 -1.17 -21.61
N ALA A 158 -13.53 -0.66 -22.57
CA ALA A 158 -12.64 0.48 -22.38
C ALA A 158 -13.38 1.84 -22.26
N LYS A 159 -14.66 1.88 -22.70
CA LYS A 159 -15.53 3.05 -22.66
C LYS A 159 -16.15 3.32 -21.28
N SER A 160 -16.24 2.27 -20.45
CA SER A 160 -16.87 2.34 -19.12
C SER A 160 -16.09 3.13 -18.09
N ARG A 161 -16.74 3.42 -16.95
CA ARG A 161 -16.13 4.11 -15.83
C ARG A 161 -15.14 3.18 -15.14
N TRP A 162 -15.38 1.85 -15.26
CA TRP A 162 -14.51 0.77 -14.76
C TRP A 162 -13.07 1.02 -15.22
N TYR A 163 -12.90 1.45 -16.49
CA TYR A 163 -11.63 1.76 -17.12
C TYR A 163 -10.96 3.00 -16.53
N ASN A 164 -11.75 3.99 -16.05
CA ASN A 164 -11.18 5.19 -15.45
C ASN A 164 -10.84 5.04 -13.98
N GLN A 165 -11.68 4.29 -13.23
CA GLN A 165 -11.46 4.08 -11.80
C GLN A 165 -10.17 3.28 -11.55
N THR A 166 -9.92 2.21 -12.34
CA THR A 166 -8.70 1.39 -12.23
C THR A 166 -8.08 1.20 -13.64
N PRO A 167 -7.47 2.25 -14.25
CA PRO A 167 -6.94 2.12 -15.62
C PRO A 167 -5.88 1.04 -15.86
N ASN A 168 -4.98 0.80 -14.90
CA ASN A 168 -3.90 -0.18 -15.03
C ASN A 168 -4.43 -1.61 -14.96
N ARG A 169 -5.25 -1.87 -13.93
CA ARG A 169 -5.89 -3.17 -13.73
C ARG A 169 -6.84 -3.48 -14.88
N THR A 170 -7.74 -2.53 -15.23
CA THR A 170 -8.74 -2.68 -16.28
C THR A 170 -8.09 -2.99 -17.64
N LYS A 171 -7.02 -2.24 -18.02
CA LYS A 171 -6.31 -2.49 -19.28
C LYS A 171 -5.82 -3.92 -19.34
N ARG A 172 -5.29 -4.45 -18.21
CA ARG A 172 -4.74 -5.82 -18.09
C ARG A 172 -5.82 -6.88 -18.29
N VAL A 173 -6.98 -6.69 -17.62
CA VAL A 173 -8.16 -7.58 -17.73
C VAL A 173 -8.72 -7.51 -19.16
N ILE A 174 -8.83 -6.30 -19.75
CA ILE A 174 -9.35 -6.16 -21.11
C ILE A 174 -8.43 -6.89 -22.11
N THR A 175 -7.10 -6.78 -21.92
CA THR A 175 -6.11 -7.47 -22.77
C THR A 175 -6.30 -8.99 -22.72
N THR A 176 -6.64 -9.52 -21.52
CA THR A 176 -6.85 -10.95 -21.26
C THR A 176 -8.06 -11.41 -22.08
N PHE A 177 -9.14 -10.61 -22.10
CA PHE A 177 -10.33 -10.88 -22.91
C PHE A 177 -10.01 -10.71 -24.42
N ALA A 178 -9.22 -9.69 -24.79
CA ALA A 178 -8.86 -9.43 -26.18
C ALA A 178 -8.01 -10.53 -26.81
N THR A 179 -7.05 -11.10 -26.03
CA THR A 179 -6.08 -12.08 -26.53
C THR A 179 -6.27 -13.53 -26.12
N GLY A 180 -6.89 -13.76 -24.96
CA GLY A 180 -7.02 -15.10 -24.40
C GLY A 180 -5.67 -15.61 -23.89
N THR A 181 -4.73 -14.69 -23.59
CA THR A 181 -3.38 -15.02 -23.10
C THR A 181 -3.12 -14.25 -21.80
N TRP A 182 -2.02 -14.59 -21.12
CA TRP A 182 -1.55 -13.97 -19.89
C TRP A 182 -0.53 -12.84 -20.16
N ASP A 183 -0.38 -12.46 -21.44
CA ASP A 183 0.59 -11.48 -21.92
C ASP A 183 0.61 -10.17 -21.15
N ALA A 184 -0.57 -9.60 -20.81
CA ALA A 184 -0.60 -8.34 -20.02
C ALA A 184 0.15 -8.50 -18.67
N TYR A 185 -0.02 -9.68 -17.98
CA TYR A 185 0.62 -9.96 -16.68
C TYR A 185 2.06 -10.38 -16.86
N LYS A 186 2.30 -11.28 -17.83
CA LYS A 186 3.65 -11.72 -18.18
C LYS A 186 4.53 -10.53 -18.56
N ASN A 187 4.01 -9.59 -19.39
CA ASN A 187 4.83 -8.46 -19.85
C ASN A 187 5.07 -7.40 -18.78
N LEU A 188 4.13 -7.25 -17.83
CA LEU A 188 4.36 -6.30 -16.75
C LEU A 188 5.52 -6.80 -15.87
N ARG A 189 5.48 -8.09 -15.51
CA ARG A 189 6.47 -8.76 -14.68
C ARG A 189 7.84 -8.75 -15.35
N LYS A 190 7.89 -8.92 -16.71
CA LYS A 190 9.14 -8.84 -17.46
C LYS A 190 9.74 -7.45 -17.32
N LYS A 191 8.92 -6.41 -17.60
CA LYS A 191 9.38 -5.02 -17.53
C LYS A 191 9.93 -4.67 -16.11
N LEU A 192 9.18 -5.05 -15.04
CA LEU A 192 9.60 -4.82 -13.64
C LEU A 192 10.85 -5.61 -13.24
N GLU A 193 10.96 -6.88 -13.69
CA GLU A 193 12.09 -7.77 -13.42
C GLU A 193 13.36 -7.18 -14.08
N GLN A 194 13.26 -6.69 -15.33
CA GLN A 194 14.40 -6.06 -16.04
C GLN A 194 14.85 -4.80 -15.29
N LEU A 195 13.88 -3.95 -14.88
CA LEU A 195 14.13 -2.72 -14.13
C LEU A 195 14.77 -3.04 -12.78
N TYR A 196 14.30 -4.09 -12.10
CA TYR A 196 14.83 -4.55 -10.81
C TYR A 196 16.33 -4.88 -10.86
N ASN A 197 16.74 -5.58 -11.94
CA ASN A 197 18.11 -6.05 -12.19
C ASN A 197 19.14 -4.94 -12.19
N ARG A 198 18.70 -3.71 -12.51
CA ARG A 198 19.54 -2.52 -12.52
C ARG A 198 19.90 -2.13 -11.09
N TYR A 199 19.01 -2.45 -10.13
CA TYR A 199 19.16 -2.06 -8.73
C TYR A 199 19.55 -3.15 -7.75
N LYS A 200 19.33 -4.44 -8.10
CA LYS A 200 19.62 -5.55 -7.18
C LYS A 200 21.08 -5.57 -6.67
N ASP A 201 21.25 -5.99 -5.42
CA ASP A 201 22.54 -6.10 -4.74
C ASP A 201 23.34 -7.25 -5.36
N PRO A 202 24.60 -7.05 -5.82
CA PRO A 202 25.37 -8.18 -6.39
C PRO A 202 25.62 -9.31 -5.39
N GLN A 203 25.77 -8.97 -4.09
CA GLN A 203 26.00 -9.92 -2.99
C GLN A 203 24.69 -10.59 -2.49
N ASP A 204 23.52 -10.05 -2.91
CA ASP A 204 22.19 -10.56 -2.54
C ASP A 204 21.15 -10.16 -3.59
N GLU A 205 20.80 -11.11 -4.47
CA GLU A 205 19.82 -10.99 -5.56
C GLU A 205 18.41 -10.62 -5.08
N ASN A 206 18.02 -11.07 -3.87
CA ASN A 206 16.67 -10.83 -3.34
C ASN A 206 16.48 -9.42 -2.74
N LYS A 207 17.49 -8.55 -2.81
CA LYS A 207 17.30 -7.19 -2.30
C LYS A 207 18.08 -6.15 -3.09
N ILE A 208 17.70 -4.90 -2.89
CA ILE A 208 18.36 -3.71 -3.46
C ILE A 208 19.25 -3.18 -2.31
N GLY A 209 20.55 -3.15 -2.55
CA GLY A 209 21.48 -2.69 -1.53
C GLY A 209 21.74 -1.19 -1.58
N ILE A 210 22.76 -0.74 -0.81
CA ILE A 210 23.22 0.64 -0.69
C ILE A 210 23.37 1.27 -2.11
N ASP A 211 24.16 0.61 -2.98
CA ASP A 211 24.43 1.03 -4.36
C ASP A 211 23.12 1.17 -5.15
N GLY A 212 22.26 0.15 -5.05
CA GLY A 212 20.98 0.09 -5.73
C GLY A 212 20.05 1.23 -5.38
N ILE A 213 19.90 1.52 -4.08
CA ILE A 213 19.06 2.60 -3.59
C ILE A 213 19.61 3.94 -4.14
N GLN A 214 20.94 4.14 -4.07
CA GLN A 214 21.59 5.32 -4.62
C GLN A 214 21.27 5.50 -6.13
N GLN A 215 21.39 4.41 -6.91
CA GLN A 215 21.10 4.38 -8.36
C GLN A 215 19.64 4.72 -8.63
N PHE A 216 18.70 4.13 -7.88
CA PHE A 216 17.27 4.38 -7.99
C PHE A 216 17.00 5.90 -7.83
N CYS A 217 17.58 6.50 -6.77
CA CYS A 217 17.48 7.93 -6.46
C CYS A 217 18.11 8.80 -7.53
N ASP A 218 19.30 8.40 -8.06
CA ASP A 218 20.00 9.08 -9.14
C ASP A 218 19.12 9.09 -10.40
N ASP A 219 18.50 7.95 -10.72
CA ASP A 219 17.63 7.79 -11.89
C ASP A 219 16.40 8.70 -11.81
N LEU A 220 15.90 8.95 -10.61
CA LEU A 220 14.78 9.83 -10.32
C LEU A 220 15.21 11.30 -10.22
N ALA A 221 16.53 11.56 -10.36
CA ALA A 221 17.18 12.87 -10.21
C ALA A 221 16.86 13.48 -8.83
N LEU A 222 16.93 12.64 -7.78
CA LEU A 222 16.66 13.06 -6.40
C LEU A 222 17.77 12.67 -5.48
N ASP A 223 18.00 13.49 -4.45
CA ASP A 223 18.94 13.19 -3.40
C ASP A 223 18.32 12.11 -2.47
N PRO A 224 19.05 11.04 -2.09
CA PRO A 224 18.46 10.01 -1.23
C PRO A 224 18.01 10.47 0.16
N ALA A 225 18.46 11.67 0.64
CA ALA A 225 18.03 12.19 1.95
C ALA A 225 16.91 13.28 1.78
N SER A 226 16.41 13.47 0.55
CA SER A 226 15.36 14.46 0.26
C SER A 226 13.96 14.01 0.72
N ILE A 227 13.09 15.01 0.92
CA ILE A 227 11.69 14.83 1.31
C ILE A 227 10.95 14.02 0.24
N SER A 228 11.26 14.24 -1.07
CA SER A 228 10.59 13.53 -2.16
C SER A 228 10.79 12.03 -2.05
N VAL A 229 12.02 11.60 -1.71
CA VAL A 229 12.36 10.18 -1.52
C VAL A 229 11.60 9.63 -0.32
N LEU A 230 11.46 10.43 0.76
CA LEU A 230 10.68 9.99 1.94
C LEU A 230 9.19 9.82 1.58
N ILE A 231 8.66 10.69 0.71
CA ILE A 231 7.27 10.60 0.24
C ILE A 231 7.11 9.30 -0.58
N ILE A 232 8.13 8.95 -1.41
CA ILE A 232 8.14 7.70 -2.20
C ILE A 232 8.13 6.50 -1.26
N ALA A 233 8.97 6.53 -0.21
CA ALA A 233 9.07 5.47 0.79
C ALA A 233 7.71 5.23 1.44
N TRP A 234 7.00 6.33 1.77
CA TRP A 234 5.66 6.27 2.36
C TRP A 234 4.69 5.57 1.40
N LYS A 235 4.71 5.97 0.12
CA LYS A 235 3.86 5.41 -0.94
C LYS A 235 4.17 3.95 -1.21
N PHE A 236 5.45 3.55 -1.04
CA PHE A 236 5.86 2.15 -1.23
C PHE A 236 5.63 1.33 0.04
N ARG A 237 5.20 1.99 1.15
CA ARG A 237 5.03 1.31 2.46
C ARG A 237 6.34 0.59 2.84
N ALA A 238 7.50 1.18 2.49
CA ALA A 238 8.81 0.59 2.80
C ALA A 238 8.99 0.46 4.31
N ALA A 239 9.61 -0.64 4.77
CA ALA A 239 9.83 -0.91 6.18
C ALA A 239 10.86 -0.02 6.88
N THR A 240 12.05 0.10 6.29
CA THR A 240 13.20 0.71 6.97
C THR A 240 14.09 1.48 6.05
N GLN A 241 14.59 2.61 6.54
CA GLN A 241 15.53 3.45 5.80
C GLN A 241 16.78 2.67 5.44
N CYS A 242 17.33 2.90 4.22
CA CYS A 242 18.56 2.25 3.70
C CYS A 242 18.37 0.74 3.40
N GLU A 243 17.13 0.29 3.36
CA GLU A 243 16.78 -1.09 3.05
C GLU A 243 15.65 -1.02 2.05
N PHE A 244 15.59 -1.99 1.12
CA PHE A 244 14.61 -1.99 0.05
C PHE A 244 14.57 -3.38 -0.54
N SER A 245 13.56 -4.17 -0.13
CA SER A 245 13.42 -5.55 -0.57
C SER A 245 12.84 -5.61 -1.97
N LYS A 246 13.04 -6.76 -2.66
CA LYS A 246 12.47 -7.02 -3.98
C LYS A 246 10.95 -6.92 -3.95
N GLN A 247 10.31 -7.50 -2.92
CA GLN A 247 8.86 -7.48 -2.74
C GLN A 247 8.35 -6.05 -2.60
N GLU A 248 9.08 -5.20 -1.85
CA GLU A 248 8.74 -3.78 -1.70
C GLU A 248 8.74 -3.08 -3.04
N PHE A 249 9.80 -3.31 -3.85
CA PHE A 249 9.93 -2.74 -5.19
C PHE A 249 8.79 -3.22 -6.12
N MET A 250 8.58 -4.53 -6.23
CA MET A 250 7.59 -5.13 -7.13
C MET A 250 6.17 -4.66 -6.81
N ASP A 251 5.77 -4.78 -5.54
CA ASP A 251 4.44 -4.43 -5.07
C ASP A 251 4.20 -2.95 -5.14
N GLY A 252 5.21 -2.16 -4.76
CA GLY A 252 5.14 -0.72 -4.81
C GLY A 252 4.95 -0.21 -6.23
N MET A 253 5.77 -0.70 -7.17
CA MET A 253 5.66 -0.27 -8.57
C MET A 253 4.32 -0.63 -9.20
N THR A 254 3.80 -1.84 -8.89
CA THR A 254 2.52 -2.32 -9.42
C THR A 254 1.34 -1.55 -8.82
N GLU A 255 1.34 -1.36 -7.48
CA GLU A 255 0.24 -0.65 -6.81
C GLU A 255 0.17 0.80 -7.32
N LEU A 256 1.34 1.39 -7.62
CA LEU A 256 1.43 2.76 -8.12
C LEU A 256 1.19 2.90 -9.64
N GLY A 257 1.04 1.76 -10.33
CA GLY A 257 0.81 1.71 -11.77
C GLY A 257 2.00 2.19 -12.58
N CYS A 258 3.23 1.92 -12.08
CA CYS A 258 4.46 2.35 -12.74
C CYS A 258 5.27 1.17 -13.21
N ASP A 259 5.82 1.26 -14.42
CA ASP A 259 6.64 0.19 -15.01
C ASP A 259 7.98 0.72 -15.49
N SER A 260 8.35 1.92 -15.03
CA SER A 260 9.58 2.64 -15.36
C SER A 260 9.81 3.74 -14.34
N ILE A 261 11.04 4.27 -14.31
CA ILE A 261 11.44 5.40 -13.48
C ILE A 261 10.68 6.66 -13.91
N GLU A 262 10.52 6.87 -15.24
CA GLU A 262 9.78 8.03 -15.78
C GLU A 262 8.32 8.06 -15.28
N LYS A 263 7.67 6.89 -15.20
CA LYS A 263 6.29 6.82 -14.70
C LYS A 263 6.21 7.15 -13.21
N LEU A 264 7.18 6.67 -12.40
CA LEU A 264 7.23 6.97 -10.97
C LEU A 264 7.52 8.45 -10.75
N LYS A 265 8.46 9.00 -11.53
CA LYS A 265 8.82 10.43 -11.50
C LYS A 265 7.55 11.29 -11.71
N ALA A 266 6.72 10.93 -12.71
CA ALA A 266 5.47 11.63 -13.02
C ALA A 266 4.37 11.50 -11.92
N GLN A 267 4.52 10.56 -10.97
CA GLN A 267 3.58 10.36 -9.87
C GLN A 267 3.84 11.28 -8.66
N ILE A 268 5.08 11.78 -8.52
CA ILE A 268 5.53 12.60 -7.37
C ILE A 268 4.62 13.84 -7.08
N PRO A 269 4.28 14.73 -8.06
CA PRO A 269 3.39 15.85 -7.75
C PRO A 269 2.04 15.47 -7.14
N LYS A 270 1.44 14.34 -7.57
CA LYS A 270 0.17 13.81 -7.06
C LYS A 270 0.38 13.41 -5.58
N MET A 271 1.51 12.75 -5.28
CA MET A 271 1.86 12.34 -3.91
C MET A 271 2.00 13.61 -3.02
N GLU A 272 2.64 14.67 -3.55
CA GLU A 272 2.84 15.95 -2.85
C GLU A 272 1.51 16.64 -2.52
N GLN A 273 0.58 16.68 -3.50
CA GLN A 273 -0.74 17.28 -3.33
C GLN A 273 -1.53 16.59 -2.20
N GLU A 274 -1.46 15.25 -2.11
CA GLU A 274 -2.08 14.40 -1.08
C GLU A 274 -1.74 14.88 0.32
N LEU A 275 -0.47 15.24 0.55
CA LEU A 275 0.03 15.72 1.83
C LEU A 275 -0.48 17.09 2.28
N LYS A 276 -1.20 17.82 1.39
CA LYS A 276 -1.80 19.10 1.75
C LYS A 276 -3.09 18.85 2.54
N GLU A 277 -3.60 17.60 2.52
CA GLU A 277 -4.79 17.21 3.27
C GLU A 277 -4.28 16.69 4.61
N PRO A 278 -4.77 17.22 5.77
CA PRO A 278 -4.20 16.83 7.07
C PRO A 278 -4.23 15.34 7.43
N GLY A 279 -5.27 14.61 7.01
CA GLY A 279 -5.40 13.18 7.23
C GLY A 279 -4.23 12.40 6.62
N ARG A 280 -3.96 12.65 5.33
CA ARG A 280 -2.81 12.05 4.62
C ARG A 280 -1.50 12.52 5.25
N PHE A 281 -1.38 13.82 5.57
CA PHE A 281 -0.12 14.26 6.20
C PHE A 281 0.16 13.56 7.54
N LYS A 282 -0.88 13.37 8.37
CA LYS A 282 -0.76 12.68 9.67
C LYS A 282 -0.29 11.23 9.46
N ASP A 283 -0.86 10.54 8.47
CA ASP A 283 -0.48 9.16 8.13
C ASP A 283 1.00 9.12 7.72
N PHE A 284 1.46 10.06 6.88
CA PHE A 284 2.85 10.15 6.42
C PHE A 284 3.79 10.49 7.57
N TYR A 285 3.38 11.45 8.41
CA TYR A 285 4.19 11.86 9.55
C TYR A 285 4.40 10.68 10.52
N GLN A 286 3.35 9.92 10.82
CA GLN A 286 3.49 8.81 11.76
C GLN A 286 4.26 7.64 11.14
N PHE A 287 4.13 7.47 9.79
CA PHE A 287 4.86 6.45 9.04
C PHE A 287 6.37 6.73 9.16
N THR A 288 6.76 8.04 9.12
CA THR A 288 8.17 8.46 9.13
C THR A 288 8.90 7.83 10.33
N PHE A 289 8.29 7.88 11.53
CA PHE A 289 8.88 7.29 12.74
C PHE A 289 9.28 5.82 12.55
N ASN A 290 8.32 4.99 12.07
CA ASN A 290 8.49 3.55 11.82
C ASN A 290 9.56 3.29 10.77
N PHE A 291 9.60 4.14 9.75
CA PHE A 291 10.59 4.04 8.67
C PHE A 291 11.99 4.42 9.13
N ALA A 292 12.09 5.50 9.95
CA ALA A 292 13.35 6.03 10.46
C ALA A 292 14.07 5.17 11.48
N LYS A 293 13.31 4.39 12.28
CA LYS A 293 13.92 3.65 13.39
C LYS A 293 14.68 2.42 12.94
N ASN A 294 15.55 1.93 13.85
CA ASN A 294 16.36 0.74 13.62
C ASN A 294 15.52 -0.48 13.92
N PRO A 295 15.55 -1.54 13.08
CA PRO A 295 14.85 -2.79 13.44
C PRO A 295 15.37 -3.31 14.79
N GLY A 296 14.46 -3.82 15.62
CA GLY A 296 14.80 -4.35 16.94
C GLY A 296 14.74 -3.37 18.10
N GLN A 297 14.54 -2.07 17.78
CA GLN A 297 14.46 -0.95 18.74
C GLN A 297 13.02 -0.39 18.71
N LYS A 298 12.41 -0.08 19.87
CA LYS A 298 11.04 0.45 19.88
C LYS A 298 11.02 1.98 19.70
N GLY A 299 12.08 2.64 20.13
CA GLY A 299 12.24 4.09 20.03
C GLY A 299 13.12 4.51 18.88
N LEU A 300 13.22 5.84 18.68
CA LEU A 300 14.02 6.46 17.64
C LEU A 300 15.11 7.28 18.30
N ASP A 301 16.39 7.03 17.92
CA ASP A 301 17.54 7.75 18.47
C ASP A 301 17.34 9.23 18.20
N LEU A 302 17.71 10.06 19.18
CA LEU A 302 17.54 11.50 19.16
C LEU A 302 18.11 12.17 17.91
N GLU A 303 19.37 11.89 17.53
CA GLU A 303 19.98 12.50 16.35
C GLU A 303 19.16 12.20 15.11
N MET A 304 18.67 10.94 14.99
CA MET A 304 17.82 10.52 13.88
C MET A 304 16.46 11.21 13.88
N ALA A 305 15.83 11.32 15.06
CA ALA A 305 14.53 11.96 15.23
C ALA A 305 14.61 13.42 14.80
N ILE A 306 15.67 14.12 15.21
CA ILE A 306 15.91 15.52 14.84
C ILE A 306 16.07 15.67 13.32
N ALA A 307 16.86 14.77 12.69
CA ALA A 307 17.10 14.80 11.25
C ALA A 307 15.79 14.59 10.43
N TYR A 308 14.92 13.70 10.90
CA TYR A 308 13.64 13.48 10.22
C TYR A 308 12.62 14.59 10.53
N TRP A 309 12.63 15.13 11.77
CA TRP A 309 11.78 16.27 12.15
C TRP A 309 12.08 17.49 11.32
N ASN A 310 13.37 17.75 11.06
CA ASN A 310 13.78 18.87 10.19
C ASN A 310 13.23 18.73 8.78
N LEU A 311 13.09 17.50 8.30
CA LEU A 311 12.54 17.23 6.98
C LEU A 311 10.99 17.31 6.94
N VAL A 312 10.29 16.62 7.85
CA VAL A 312 8.82 16.57 7.81
C VAL A 312 8.11 17.75 8.48
N LEU A 313 8.74 18.42 9.46
CA LEU A 313 8.10 19.55 10.15
C LEU A 313 8.61 20.92 9.64
N ASN A 314 9.42 20.89 8.58
CA ASN A 314 9.93 22.12 7.93
C ASN A 314 8.72 22.93 7.43
N GLY A 315 8.60 24.17 7.92
CA GLY A 315 7.51 25.08 7.55
C GLY A 315 6.17 24.73 8.16
N ARG A 316 6.15 23.90 9.23
CA ARG A 316 4.92 23.49 9.89
C ARG A 316 4.99 23.76 11.36
N PHE A 317 6.19 23.89 11.91
CA PHE A 317 6.44 24.05 13.34
C PHE A 317 7.39 25.23 13.58
N LYS A 318 6.84 26.33 14.10
CA LYS A 318 7.54 27.56 14.42
C LYS A 318 8.76 27.34 15.34
N PHE A 319 8.61 26.45 16.32
CA PHE A 319 9.60 26.21 17.36
C PHE A 319 10.53 25.05 17.11
N LEU A 320 10.59 24.56 15.86
CA LEU A 320 11.41 23.41 15.48
C LEU A 320 12.88 23.49 15.91
N ASP A 321 13.58 24.62 15.63
CA ASP A 321 14.99 24.75 16.02
C ASP A 321 15.20 24.83 17.53
N LEU A 322 14.35 25.58 18.22
CA LEU A 322 14.41 25.69 19.69
C LEU A 322 14.11 24.30 20.32
N TRP A 323 13.21 23.53 19.71
CA TRP A 323 12.87 22.15 20.11
C TRP A 323 14.11 21.27 19.98
N ASN A 324 14.79 21.33 18.82
CA ASN A 324 16.03 20.59 18.55
C ASN A 324 17.12 20.93 19.59
N LYS A 325 17.33 22.24 19.84
CA LYS A 325 18.31 22.71 20.84
C LYS A 325 17.96 22.19 22.24
N PHE A 326 16.65 22.25 22.60
CA PHE A 326 16.15 21.76 23.89
C PHE A 326 16.49 20.29 24.10
N LEU A 327 16.22 19.46 23.11
CA LEU A 327 16.45 18.01 23.19
C LEU A 327 17.93 17.63 23.27
N LEU A 328 18.79 18.28 22.45
CA LEU A 328 20.22 18.00 22.42
C LEU A 328 20.93 18.38 23.71
N GLU A 329 20.34 19.28 24.51
CA GLU A 329 20.91 19.80 25.75
C GLU A 329 20.22 19.35 27.03
N HIS A 330 18.93 19.00 26.97
CA HIS A 330 18.18 18.65 28.18
C HIS A 330 17.56 17.24 28.15
N HIS A 331 17.33 16.65 26.95
CA HIS A 331 16.78 15.30 26.83
C HIS A 331 17.89 14.28 26.63
N LYS A 332 18.67 14.44 25.53
CA LYS A 332 19.83 13.61 25.17
C LYS A 332 19.52 12.10 25.26
N ARG A 333 18.31 11.70 24.85
CA ARG A 333 17.83 10.33 24.87
C ARG A 333 16.80 10.07 23.75
N SER A 334 16.51 8.77 23.51
CA SER A 334 15.58 8.19 22.53
C SER A 334 14.16 8.83 22.58
N ILE A 335 13.46 8.86 21.44
CA ILE A 335 12.14 9.45 21.33
C ILE A 335 11.12 8.34 21.17
N PRO A 336 10.14 8.19 22.10
CA PRO A 336 9.13 7.14 21.94
C PRO A 336 8.08 7.58 20.90
N LYS A 337 7.41 6.59 20.29
CA LYS A 337 6.40 6.73 19.22
C LYS A 337 5.28 7.70 19.61
N ASP A 338 4.73 7.58 20.83
CA ASP A 338 3.63 8.45 21.30
C ASP A 338 4.07 9.89 21.34
N THR A 339 5.29 10.16 21.82
CA THR A 339 5.86 11.52 21.86
C THR A 339 6.01 12.07 20.43
N TRP A 340 6.56 11.23 19.50
CA TRP A 340 6.71 11.61 18.10
C TRP A 340 5.33 12.00 17.55
N ASN A 341 4.32 11.11 17.71
CA ASN A 341 2.97 11.38 17.20
C ASN A 341 2.37 12.66 17.76
N LEU A 342 2.49 12.88 19.09
CA LEU A 342 1.90 14.05 19.76
C LEU A 342 2.56 15.34 19.41
N LEU A 343 3.85 15.30 18.98
CA LEU A 343 4.52 16.54 18.56
C LEU A 343 3.79 17.25 17.39
N LEU A 344 3.17 16.48 16.48
CA LEU A 344 2.42 17.11 15.37
C LEU A 344 1.20 17.90 15.91
N ASP A 345 0.48 17.33 16.88
CA ASP A 345 -0.67 17.97 17.52
C ASP A 345 -0.20 19.23 18.27
N PHE A 346 1.00 19.16 18.91
CA PHE A 346 1.56 20.32 19.62
C PHE A 346 1.85 21.43 18.63
N SER A 347 2.53 21.10 17.52
CA SER A 347 2.90 22.10 16.50
C SER A 347 1.69 22.80 15.88
N THR A 348 0.57 22.06 15.73
CA THR A 348 -0.65 22.62 15.13
C THR A 348 -1.33 23.63 16.05
N MET A 349 -1.52 23.28 17.33
CA MET A 349 -2.27 24.12 18.27
C MET A 349 -1.49 25.25 18.92
N ILE A 350 -0.15 25.09 19.12
CA ILE A 350 0.66 26.03 19.88
C ILE A 350 0.62 27.49 19.35
N ALA A 351 0.29 28.47 20.25
CA ALA A 351 0.31 29.89 19.90
C ALA A 351 1.76 30.30 19.76
N ASP A 352 2.02 31.37 18.96
CA ASP A 352 3.38 31.88 18.75
C ASP A 352 4.07 32.31 20.08
N ASP A 353 3.28 32.69 21.10
CA ASP A 353 3.80 33.08 22.41
C ASP A 353 3.61 31.96 23.46
N MET A 354 3.05 30.80 23.02
CA MET A 354 2.78 29.62 23.86
C MET A 354 1.77 29.88 25.00
N SER A 355 1.00 30.99 24.92
CA SER A 355 0.03 31.39 25.97
C SER A 355 -1.15 30.45 26.13
N ASN A 356 -1.47 29.69 25.09
CA ASN A 356 -2.58 28.74 25.09
C ASN A 356 -2.19 27.34 25.58
N TYR A 357 -0.91 27.13 25.96
CA TYR A 357 -0.45 25.81 26.43
C TYR A 357 -1.05 25.41 27.76
N ASP A 358 -1.73 24.26 27.75
CA ASP A 358 -2.36 23.68 28.93
C ASP A 358 -1.32 22.85 29.71
N GLU A 359 -0.71 23.48 30.74
CA GLU A 359 0.29 22.87 31.62
C GLU A 359 -0.24 21.63 32.37
N GLU A 360 -1.56 21.37 32.28
CA GLU A 360 -2.28 20.21 32.83
C GLU A 360 -3.28 19.72 31.78
N GLY A 361 -2.76 19.44 30.58
CA GLY A 361 -3.53 19.03 29.40
C GLY A 361 -3.08 17.77 28.68
N ALA A 362 -2.50 16.82 29.44
CA ALA A 362 -2.09 15.47 29.05
C ALA A 362 -0.94 15.36 28.07
N TRP A 363 -0.16 16.44 27.82
CA TRP A 363 0.97 16.33 26.89
C TRP A 363 2.11 15.49 27.52
N PRO A 364 3.01 14.83 26.74
CA PRO A 364 4.15 14.16 27.39
C PRO A 364 4.92 15.18 28.24
N VAL A 365 5.54 14.72 29.35
CA VAL A 365 6.35 15.54 30.27
C VAL A 365 7.43 16.27 29.49
N LEU A 366 8.02 15.61 28.47
CA LEU A 366 9.01 16.21 27.55
C LEU A 366 8.50 17.51 26.88
N ILE A 367 7.20 17.57 26.54
CA ILE A 367 6.64 18.76 25.92
C ILE A 367 6.34 19.85 27.00
N ASP A 368 5.97 19.44 28.23
CA ASP A 368 5.78 20.35 29.37
C ASP A 368 7.14 21.01 29.70
N ASP A 369 8.22 20.19 29.70
CA ASP A 369 9.60 20.62 29.95
C ASP A 369 10.07 21.58 28.85
N PHE A 370 9.71 21.29 27.57
CA PHE A 370 10.06 22.18 26.44
C PHE A 370 9.40 23.55 26.59
N VAL A 371 8.09 23.60 26.89
CA VAL A 371 7.34 24.86 27.08
C VAL A 371 7.96 25.67 28.24
N GLU A 372 8.36 25.00 29.34
CA GLU A 372 9.02 25.67 30.48
C GLU A 372 10.36 26.23 30.04
N PHE A 373 11.16 25.46 29.29
CA PHE A 373 12.47 25.89 28.76
C PHE A 373 12.34 27.04 27.73
N ALA A 374 11.33 26.99 26.85
CA ALA A 374 11.12 27.93 25.76
C ALA A 374 10.51 29.28 26.16
N ARG A 375 9.46 29.26 27.01
CA ARG A 375 8.73 30.45 27.45
C ARG A 375 9.59 31.64 27.95
N PRO A 376 10.69 31.47 28.76
CA PRO A 376 11.49 32.66 29.17
C PRO A 376 12.11 33.40 27.98
N GLN A 377 12.49 32.65 26.93
CA GLN A 377 13.07 33.15 25.68
C GLN A 377 11.95 33.70 24.74
N ILE A 378 10.68 33.73 25.23
CA ILE A 378 9.45 34.16 24.55
C ILE A 378 9.21 33.30 23.29
C12 H9S B . 12.68 3.18 -1.73
C16 H9S B . 19.62 8.81 6.65
C15 H9S B . 18.77 8.05 4.45
C14 H9S B . 13.01 3.70 -3.14
C13 H9S B . 11.25 3.56 -1.35
C11 H9S B . 14.80 3.06 1.43
C10 H9S B . 13.90 2.72 0.43
O1 H9S B . 19.66 8.60 3.82
C8 H9S B . 14.46 4.72 -0.79
C5 H9S B . 17.06 5.77 1.80
C4 H9S B . 18.13 6.51 2.56
C6 H9S B . 15.55 4.23 1.32
N1 H9S B . 16.50 4.69 2.23
N3 H9S B . 20.61 6.73 7.60
C2 H9S B . 15.49 8.63 3.74
O2 H9S B . 22.56 7.64 6.93
C18 H9S B . 21.87 6.64 7.15
C19 H9S B . 22.37 5.26 6.96
C20 H9S B . 23.57 5.02 6.46
C21 H9S B . 24.15 3.66 6.21
N4 H9S B . 25.39 3.30 6.92
C25 H9S B . 26.10 2.19 6.25
C24 H9S B . 26.76 2.66 4.97
O3 H9S B . 27.64 3.76 5.20
C23 H9S B . 26.92 4.83 5.79
C22 H9S B . 26.31 4.44 7.10
C17 H9S B . 19.97 8.01 7.91
C26 H9S B . 19.01 10.20 7.05
C31 H9S B . 18.00 10.78 6.07
C30 H9S B . 17.42 12.09 6.58
C29 H9S B . 18.50 13.11 6.88
C28 H9S B . 19.55 12.53 7.83
C27 H9S B . 20.11 11.22 7.29
N2 H9S B . 18.71 8.04 5.80
C3 H9S B . 17.61 7.37 3.71
N H9S B . 16.68 8.36 3.18
O H9S B . 15.12 8.11 4.78
C1 H9S B . 14.64 9.63 3.01
C H9S B . 14.61 10.98 3.71
S H9S B . 16.51 6.34 0.25
C7 H9S B . 15.39 5.03 0.19
C9 H9S B . 13.71 3.55 -0.67
H13 H9S B . 12.69 2.09 -1.80
H1 H9S B . 20.53 9.03 6.10
H17 H9S B . 12.82 4.77 -3.22
H19 H9S B . 12.41 3.21 -3.90
H18 H9S B . 14.05 3.54 -3.40
H16 H9S B . 11.09 4.64 -1.41
H15 H9S B . 11.01 3.27 -0.34
H14 H9S B . 10.53 3.10 -2.01
H12 H9S B . 14.91 2.44 2.32
H11 H9S B . 13.34 1.80 0.52
H10 H9S B . 14.34 5.41 -1.62
H8 H9S B . 18.83 5.78 2.95
H9 H9S B . 18.69 7.09 1.83
H23 H9S B . 20.04 5.91 7.76
H24 H9S B . 21.75 4.43 7.29
H25 H9S B . 24.18 5.86 6.14
H27 H9S B . 23.39 2.95 6.55
H26 H9S B . 24.17 3.50 5.14
H34 H9S B . 25.46 1.34 6.04
H35 H9S B . 26.86 1.81 6.92
H33 H9S B . 27.42 1.89 4.56
H32 H9S B . 26.04 2.89 4.19
H31 H9S B . 27.68 5.61 5.91
H30 H9S B . 26.19 5.24 5.08
H28 H9S B . 25.90 5.31 7.61
H29 H9S B . 27.11 4.12 7.76
H22 H9S B . 20.68 8.58 8.50
H21 H9S B . 19.12 7.88 8.56
H36 H9S B . 18.50 10.07 8.00
H45 H9S B . 17.19 10.09 5.87
H46 H9S B . 18.46 10.97 5.09
H44 H9S B . 16.71 12.50 5.86
H43 H9S B . 16.81 11.90 7.47
H41 H9S B . 18.97 13.44 5.97
H42 H9S B . 18.07 14.01 7.32
H39 H9S B . 20.34 13.25 8.02
H40 H9S B . 19.10 12.32 8.80
H37 H9S B . 20.86 10.84 7.99
H38 H9S B . 20.67 11.41 6.37
H20 H9S B . 18.02 7.47 6.29
H H9S B . 17.11 6.70 4.40
H7 H9S B . 16.99 8.86 2.36
H5 H9S B . 14.98 9.75 1.98
H6 H9S B . 13.63 9.27 2.89
H2 H9S B . 15.59 11.44 3.77
H3 H9S B . 14.24 10.89 4.72
H4 H9S B . 13.95 11.68 3.19
#